data_3D1L
#
_entry.id   3D1L
#
_cell.length_a   154.995
_cell.length_b   154.995
_cell.length_c   54.313
_cell.angle_alpha   90.00
_cell.angle_beta   90.00
_cell.angle_gamma   90.00
#
_symmetry.space_group_name_H-M   'I 41'
#
loop_
_entity.id
_entity.type
_entity.pdbx_description
1 polymer 'Putative NADP oxidoreductase BF3122'
2 non-polymer '2-MERCAPTO-PROPION ALDEHYDE'
3 non-polymer 'CHLORIDE ION'
4 water water
#
_entity_poly.entity_id   1
_entity_poly.type   'polypeptide(L)'
_entity_poly.pdbx_seq_one_letter_code
;SNA(MSE)KRSIEDTPIVLIGAGNLATNLAKALYRKGFRIVQVYSRTEESARELAQKVEAEYTTDLAEVNPYAKLYIVSL
KDSAFAELLQGIVEGKREEAL(MSE)VHTAGSIP(MSE)NVWEGHVPHYGVFYP(MSE)QTFSKQREVDFKEIPFFIEAS
STEDAAFLKAIASTLSNRVYDADSEQRKSLHLAAVFTCNFTNH(MSE)YALAAELLKKYNLPFDV(MSE)LPLIDETARK
VHELEPKTAQTGPAIRYDENVIGNHLR(MSE)LADDPA(MSE)QRLYELLSRSIHERQ
;
_entity_poly.pdbx_strand_id   A,B
#
loop_
_chem_comp.id
_chem_comp.type
_chem_comp.name
_chem_comp.formula
CL non-polymer 'CHLORIDE ION' 'Cl -1'
MPR non-polymer '2-MERCAPTO-PROPION ALDEHYDE' 'C3 H6 O S'
#
# COMPACT_ATOMS: atom_id res chain seq x y z
N SER A 7 2.22 -37.83 10.39
CA SER A 7 3.32 -38.34 9.54
C SER A 7 4.42 -37.28 9.42
N ILE A 8 4.08 -36.12 8.87
CA ILE A 8 5.05 -35.02 8.83
C ILE A 8 5.34 -34.48 10.25
N GLU A 9 4.31 -34.47 11.09
CA GLU A 9 4.48 -34.05 12.49
C GLU A 9 5.30 -35.08 13.25
N ASP A 10 5.63 -36.18 12.57
CA ASP A 10 6.53 -37.20 13.09
C ASP A 10 7.98 -36.97 12.63
N THR A 11 8.28 -35.73 12.27
CA THR A 11 9.65 -35.34 11.97
C THR A 11 10.29 -34.94 13.29
N PRO A 12 11.24 -35.75 13.82
CA PRO A 12 11.94 -35.30 15.01
C PRO A 12 12.78 -34.06 14.68
N ILE A 13 12.70 -33.03 15.51
CA ILE A 13 13.35 -31.75 15.24
C ILE A 13 14.33 -31.36 16.36
N VAL A 14 15.48 -30.82 15.98
CA VAL A 14 16.42 -30.20 16.93
C VAL A 14 16.59 -28.70 16.59
N LEU A 15 16.70 -27.87 17.63
CA LEU A 15 16.90 -26.43 17.46
C LEU A 15 18.30 -26.09 17.92
N ILE A 16 19.03 -25.37 17.08
CA ILE A 16 20.38 -24.91 17.40
C ILE A 16 20.24 -23.40 17.52
N GLY A 17 20.15 -22.94 18.76
CA GLY A 17 19.81 -21.56 19.05
C GLY A 17 18.45 -21.45 19.72
N ALA A 18 18.37 -20.64 20.78
CA ALA A 18 17.14 -20.47 21.57
C ALA A 18 16.70 -19.02 21.73
N GLY A 19 17.00 -18.17 20.74
CA GLY A 19 16.54 -16.78 20.75
C GLY A 19 15.06 -16.66 20.44
N ASN A 20 14.65 -15.44 20.07
CA ASN A 20 13.24 -15.13 19.96
C ASN A 20 12.52 -15.85 18.83
N LEU A 21 13.09 -15.79 17.62
CA LEU A 21 12.54 -16.48 16.46
C LEU A 21 12.47 -17.98 16.72
N ALA A 22 13.59 -18.53 17.18
CA ALA A 22 13.68 -19.95 17.56
C ALA A 22 12.57 -20.35 18.50
N THR A 23 12.34 -19.51 19.51
CA THR A 23 11.30 -19.72 20.47
C THR A 23 9.92 -19.78 19.79
N ASN A 24 9.54 -18.70 19.10
CA ASN A 24 8.25 -18.65 18.38
C ASN A 24 8.05 -19.85 17.47
N LEU A 25 9.09 -20.16 16.70
CA LEU A 25 9.09 -21.23 15.74
C LEU A 25 8.90 -22.59 16.44
N ALA A 26 9.75 -22.87 17.43
CA ALA A 26 9.63 -24.09 18.23
C ALA A 26 8.24 -24.28 18.85
N LYS A 27 7.72 -23.26 19.52
CA LYS A 27 6.39 -23.30 20.15
C LYS A 27 5.27 -23.60 19.16
N ALA A 28 5.26 -22.90 18.03
CA ALA A 28 4.30 -23.11 16.94
C ALA A 28 4.41 -24.52 16.36
N LEU A 29 5.65 -24.99 16.14
CA LEU A 29 5.86 -26.37 15.70
C LEU A 29 5.31 -27.38 16.71
N TYR A 30 5.68 -27.21 17.98
CA TYR A 30 5.17 -28.00 19.11
C TYR A 30 3.63 -28.02 19.22
N ARG A 31 3.01 -26.86 19.00
CA ARG A 31 1.55 -26.74 19.04
C ARG A 31 0.90 -27.46 17.86
N LYS A 32 1.61 -27.51 16.73
CA LYS A 32 1.09 -28.18 15.54
C LYS A 32 1.25 -29.71 15.59
N GLY A 33 2.02 -30.19 16.56
CA GLY A 33 2.12 -31.63 16.79
C GLY A 33 3.51 -32.20 16.63
N PHE A 34 4.47 -31.32 16.38
CA PHE A 34 5.85 -31.73 16.17
C PHE A 34 6.56 -32.04 17.48
N ARG A 35 7.41 -33.07 17.41
CA ARG A 35 8.29 -33.42 18.52
C ARG A 35 9.56 -32.61 18.35
N ILE A 36 9.84 -31.78 19.35
CA ILE A 36 11.15 -31.15 19.43
C ILE A 36 11.96 -31.96 20.42
N VAL A 37 12.99 -32.65 19.94
CA VAL A 37 13.70 -33.61 20.79
C VAL A 37 14.67 -32.94 21.74
N GLN A 38 15.26 -31.84 21.30
CA GLN A 38 16.37 -31.20 22.00
C GLN A 38 16.54 -29.77 21.54
N VAL A 39 16.93 -28.90 22.48
CA VAL A 39 17.29 -27.52 22.18
C VAL A 39 18.76 -27.30 22.56
N TYR A 40 19.54 -26.70 21.66
CA TYR A 40 20.87 -26.20 22.01
C TYR A 40 20.86 -24.67 22.12
N SER A 41 21.65 -24.13 23.05
CA SER A 41 21.91 -22.71 23.15
C SER A 41 23.28 -22.48 23.80
N ARG A 42 23.88 -21.33 23.53
CA ARG A 42 25.18 -21.00 24.11
C ARG A 42 25.14 -20.98 25.64
N THR A 43 24.06 -20.43 26.20
CA THR A 43 23.89 -20.29 27.65
C THR A 43 22.88 -21.27 28.20
N GLU A 44 23.18 -21.82 29.38
CA GLU A 44 22.31 -22.77 30.11
C GLU A 44 20.87 -22.32 30.23
N GLU A 45 20.69 -21.10 30.73
CA GLU A 45 19.36 -20.56 30.99
C GLU A 45 18.51 -20.63 29.72
N SER A 46 19.02 -20.06 28.63
CA SER A 46 18.30 -20.03 27.37
C SER A 46 17.87 -21.40 26.89
N ALA A 47 18.79 -22.37 26.90
CA ALA A 47 18.49 -23.72 26.39
C ALA A 47 17.40 -24.44 27.20
N ARG A 48 17.54 -24.38 28.53
CA ARG A 48 16.58 -24.96 29.47
C ARG A 48 15.19 -24.34 29.30
N GLU A 49 15.17 -23.01 29.27
CA GLU A 49 13.95 -22.23 29.21
C GLU A 49 13.10 -22.64 28.02
N LEU A 50 13.69 -22.60 26.81
CA LEU A 50 12.93 -22.99 25.62
C LEU A 50 12.56 -24.46 25.67
N ALA A 51 13.52 -25.30 26.05
CA ALA A 51 13.30 -26.76 26.12
C ALA A 51 12.15 -27.16 27.04
N GLN A 52 11.93 -26.40 28.11
CA GLN A 52 10.83 -26.63 29.05
C GLN A 52 9.46 -26.27 28.46
N LYS A 53 9.47 -25.38 27.45
CA LYS A 53 8.25 -24.88 26.81
C LYS A 53 7.66 -25.83 25.78
N VAL A 54 8.49 -26.82 25.35
CA VAL A 54 8.10 -27.70 24.24
C VAL A 54 8.35 -29.18 24.55
N GLU A 55 8.60 -29.46 25.84
CA GLU A 55 8.87 -30.82 26.33
C GLU A 55 10.12 -31.47 25.69
N ALA A 56 11.20 -30.67 25.59
CA ALA A 56 12.46 -31.07 24.97
C ALA A 56 13.63 -31.15 25.95
N GLU A 57 14.61 -31.99 25.61
CA GLU A 57 15.91 -31.99 26.27
C GLU A 57 16.68 -30.72 25.91
N TYR A 58 17.71 -30.41 26.69
CA TYR A 58 18.48 -29.22 26.41
C TYR A 58 19.98 -29.47 26.59
N THR A 59 20.76 -28.77 25.80
CA THR A 59 22.21 -28.86 25.94
C THR A 59 22.87 -27.53 25.66
N THR A 60 24.10 -27.41 26.14
CA THR A 60 24.88 -26.20 26.03
C THR A 60 26.16 -26.55 25.25
N ASP A 61 26.31 -27.85 24.98
CA ASP A 61 27.51 -28.45 24.38
C ASP A 61 27.13 -29.14 23.05
N LEU A 62 27.76 -28.70 21.95
CA LEU A 62 27.46 -29.21 20.62
C LEU A 62 27.76 -30.70 20.47
N ALA A 63 28.68 -31.22 21.28
CA ALA A 63 29.06 -32.63 21.21
C ALA A 63 27.95 -33.54 21.73
N GLU A 64 27.02 -32.95 22.48
CA GLU A 64 25.90 -33.69 23.06
C GLU A 64 24.60 -33.51 22.26
N VAL A 65 24.69 -32.81 21.13
CA VAL A 65 23.51 -32.62 20.31
C VAL A 65 23.11 -33.98 19.71
N ASN A 66 21.83 -34.34 19.82
CA ASN A 66 21.30 -35.57 19.22
C ASN A 66 21.59 -35.59 17.74
N PRO A 67 22.26 -36.65 17.27
CA PRO A 67 22.65 -36.79 15.88
C PRO A 67 21.62 -37.42 14.96
N TYR A 68 20.49 -37.91 15.48
CA TYR A 68 19.55 -38.70 14.65
C TYR A 68 18.21 -38.02 14.27
N ALA A 69 18.07 -36.71 14.51
CA ALA A 69 16.85 -36.01 14.13
C ALA A 69 16.77 -35.81 12.61
N LYS A 70 15.56 -35.51 12.12
CA LYS A 70 15.36 -35.31 10.67
C LYS A 70 15.66 -33.86 10.25
N LEU A 71 15.45 -32.90 11.15
CA LEU A 71 15.60 -31.49 10.83
C LEU A 71 16.29 -30.69 11.94
N TYR A 72 17.29 -29.91 11.54
CA TYR A 72 18.05 -29.08 12.46
C TYR A 72 17.86 -27.64 12.08
N ILE A 73 17.33 -26.85 13.00
CA ILE A 73 16.99 -25.48 12.70
C ILE A 73 17.97 -24.58 13.43
N VAL A 74 18.89 -24.01 12.66
CA VAL A 74 19.95 -23.15 13.19
C VAL A 74 19.51 -21.70 13.06
N SER A 75 19.47 -20.97 14.18
CA SER A 75 19.11 -19.56 14.18
C SER A 75 20.18 -18.68 14.82
N LEU A 76 21.41 -19.19 14.91
CA LEU A 76 22.51 -18.45 15.51
C LEU A 76 22.88 -17.23 14.68
N LYS A 77 23.37 -16.20 15.35
CA LYS A 77 23.85 -14.98 14.67
C LYS A 77 25.08 -15.27 13.77
N ASP A 78 25.38 -14.35 12.84
CA ASP A 78 26.41 -14.52 11.81
C ASP A 78 27.74 -15.13 12.30
N SER A 79 28.40 -14.41 13.19
CA SER A 79 29.68 -14.80 13.73
C SER A 79 29.59 -16.11 14.48
N ALA A 80 28.62 -16.21 15.39
CA ALA A 80 28.43 -17.42 16.20
C ALA A 80 28.22 -18.62 15.28
N PHE A 81 27.50 -18.39 14.20
CA PHE A 81 27.24 -19.42 13.23
C PHE A 81 28.32 -19.97 12.23
N ALA A 82 29.06 -19.18 11.44
CA ALA A 82 30.55 -19.02 11.50
C ALA A 82 31.39 -19.92 12.39
N GLU A 83 31.59 -19.48 13.62
CA GLU A 83 32.47 -20.18 14.52
C GLU A 83 32.10 -21.65 14.73
N LEU A 84 30.80 -21.94 14.73
CA LEU A 84 30.27 -23.19 15.26
C LEU A 84 29.77 -24.17 14.18
N LEU A 85 29.85 -23.76 12.92
CA LEU A 85 29.30 -24.58 11.85
C LEU A 85 29.83 -26.02 11.87
N GLN A 86 31.14 -26.16 11.98
CA GLN A 86 31.72 -27.52 11.99
C GLN A 86 31.28 -28.36 13.20
N GLY A 87 31.16 -27.74 14.38
CA GLY A 87 30.65 -28.45 15.57
C GLY A 87 29.18 -28.80 15.43
N ILE A 88 28.45 -27.99 14.68
CA ILE A 88 27.06 -28.25 14.35
C ILE A 88 26.98 -29.47 13.42
N VAL A 89 27.82 -29.46 12.40
CA VAL A 89 27.83 -30.49 11.38
C VAL A 89 28.30 -31.86 11.95
N GLU A 90 29.33 -31.82 12.79
CA GLU A 90 29.95 -33.02 13.35
C GLU A 90 28.92 -33.98 13.93
N GLY A 91 29.01 -35.25 13.53
CA GLY A 91 28.23 -36.32 14.15
C GLY A 91 26.85 -36.57 13.54
N LYS A 92 26.40 -35.67 12.68
CA LYS A 92 25.06 -35.75 12.13
C LYS A 92 24.99 -36.89 11.12
N ARG A 93 23.94 -37.69 11.21
CA ARG A 93 23.70 -38.73 10.23
C ARG A 93 23.27 -38.12 8.87
N GLU A 94 23.53 -38.86 7.79
CA GLU A 94 23.33 -38.44 6.41
C GLU A 94 21.99 -37.75 6.09
N GLU A 95 20.92 -38.21 6.72
CA GLU A 95 19.57 -37.73 6.42
C GLU A 95 19.27 -36.39 7.09
N ALA A 96 20.09 -36.03 8.08
CA ALA A 96 19.94 -34.78 8.83
C ALA A 96 19.77 -33.61 7.85
N LEU A 97 18.66 -32.89 7.97
CA LEU A 97 18.47 -31.73 7.14
C LEU A 97 18.87 -30.48 7.94
N MSE A 98 19.88 -29.79 7.43
CA MSE A 98 20.48 -28.65 8.10
C MSE A 98 20.03 -27.33 7.48
O MSE A 98 20.40 -27.03 6.33
CB MSE A 98 22.02 -28.72 8.09
CG MSE A 98 22.63 -30.12 8.38
SE MSE A 98 22.20 -30.87 10.13
CE MSE A 98 23.08 -29.61 11.26
N VAL A 99 19.26 -26.57 8.23
CA VAL A 99 18.72 -25.32 7.74
C VAL A 99 19.09 -24.19 8.70
N HIS A 100 19.24 -23.00 8.15
CA HIS A 100 19.31 -21.81 8.99
C HIS A 100 18.17 -20.84 8.66
N THR A 101 17.81 -20.01 9.63
CA THR A 101 16.66 -19.12 9.53
C THR A 101 17.00 -17.71 9.03
N ALA A 102 18.27 -17.33 9.03
CA ALA A 102 18.67 -16.00 8.56
C ALA A 102 18.65 -15.93 7.03
N GLY A 103 17.83 -15.03 6.50
CA GLY A 103 17.71 -14.85 5.05
C GLY A 103 18.93 -14.31 4.33
N SER A 104 19.79 -13.61 5.07
CA SER A 104 20.94 -12.91 4.50
C SER A 104 22.16 -13.83 4.30
N ILE A 105 22.05 -15.08 4.75
CA ILE A 105 23.17 -16.03 4.76
C ILE A 105 22.96 -17.09 3.66
N PRO A 106 23.91 -17.17 2.71
CA PRO A 106 23.66 -18.05 1.55
C PRO A 106 23.62 -19.50 1.98
N MSE A 107 22.79 -20.30 1.30
CA MSE A 107 22.66 -21.76 1.54
C MSE A 107 24.00 -22.50 1.40
O MSE A 107 24.22 -23.54 2.05
CB MSE A 107 21.64 -22.33 0.56
CG MSE A 107 21.19 -23.73 0.84
SE MSE A 107 20.12 -24.34 -0.66
CE MSE A 107 21.36 -24.20 -2.14
N ASN A 108 24.88 -21.97 0.56
CA ASN A 108 26.17 -22.61 0.28
C ASN A 108 27.09 -22.72 1.49
N VAL A 109 26.70 -22.19 2.65
CA VAL A 109 27.56 -22.36 3.83
C VAL A 109 27.67 -23.84 4.20
N TRP A 110 26.66 -24.63 3.90
CA TRP A 110 26.56 -26.02 4.30
C TRP A 110 27.21 -26.94 3.29
N GLU A 111 27.42 -26.40 2.11
CA GLU A 111 28.04 -27.04 0.99
C GLU A 111 29.40 -27.63 1.30
N GLY A 112 29.54 -28.91 1.03
CA GLY A 112 30.75 -29.68 1.34
C GLY A 112 30.71 -30.32 2.74
N HIS A 113 29.78 -29.87 3.58
CA HIS A 113 29.69 -30.38 4.96
C HIS A 113 28.60 -31.45 5.10
N VAL A 114 27.42 -31.20 4.55
CA VAL A 114 26.28 -32.14 4.66
C VAL A 114 25.61 -32.33 3.29
N PRO A 115 25.04 -33.52 3.03
CA PRO A 115 24.36 -33.66 1.73
C PRO A 115 22.96 -33.02 1.68
N HIS A 116 22.32 -32.82 2.84
CA HIS A 116 20.95 -32.30 2.87
C HIS A 116 20.85 -30.97 3.66
N TYR A 117 20.57 -29.89 2.95
CA TYR A 117 20.57 -28.58 3.61
C TYR A 117 19.66 -27.59 2.90
N GLY A 118 19.40 -26.46 3.57
CA GLY A 118 18.61 -25.37 3.00
C GLY A 118 18.49 -24.08 3.81
N VAL A 119 17.64 -23.18 3.31
CA VAL A 119 17.31 -21.95 4.01
C VAL A 119 15.81 -22.02 4.35
N PHE A 120 15.51 -21.73 5.62
CA PHE A 120 14.16 -21.79 6.15
C PHE A 120 13.83 -20.43 6.77
N TYR A 121 13.51 -19.46 5.90
CA TYR A 121 13.45 -18.05 6.26
C TYR A 121 11.98 -17.56 6.46
N PRO A 122 11.58 -17.36 7.72
CA PRO A 122 10.31 -16.71 7.96
C PRO A 122 10.54 -15.20 8.02
N MSE A 123 9.91 -14.45 7.11
CA MSE A 123 10.15 -13.02 7.02
C MSE A 123 9.15 -12.33 7.95
O MSE A 123 7.95 -12.35 7.70
CB MSE A 123 10.00 -12.51 5.58
CG MSE A 123 10.43 -11.05 5.38
SE MSE A 123 9.82 -10.28 3.70
CE MSE A 123 11.28 -9.00 3.48
N GLN A 124 9.65 -11.76 9.04
CA GLN A 124 8.72 -11.23 10.03
C GLN A 124 8.77 -9.73 10.22
N THR A 125 7.57 -9.17 10.42
CA THR A 125 7.27 -7.74 10.49
C THR A 125 7.88 -6.98 11.70
N PHE A 126 7.89 -7.60 12.88
CA PHE A 126 8.54 -7.00 14.07
C PHE A 126 9.49 -7.96 14.80
N ARG A 130 9.24 -10.82 21.17
CA ARG A 130 7.83 -11.10 21.53
C ARG A 130 7.22 -12.19 20.64
N GLU A 131 6.02 -12.66 21.01
CA GLU A 131 5.37 -13.82 20.40
C GLU A 131 4.56 -13.51 19.14
N VAL A 132 4.90 -14.22 18.05
CA VAL A 132 4.16 -14.10 16.78
C VAL A 132 3.68 -15.44 16.20
N ASP A 133 2.36 -15.55 16.07
CA ASP A 133 1.66 -16.64 15.36
C ASP A 133 1.94 -16.55 13.84
N PHE A 134 2.23 -17.69 13.22
CA PHE A 134 2.82 -17.74 11.87
C PHE A 134 1.86 -17.87 10.67
N LYS A 135 0.55 -17.90 10.90
CA LYS A 135 -0.46 -18.20 9.86
C LYS A 135 -0.50 -17.26 8.61
N GLU A 136 0.00 -15.99 8.85
CA GLU A 136 0.10 -15.02 7.75
C GLU A 136 1.55 -14.65 7.37
N ILE A 137 2.51 -15.17 8.12
CA ILE A 137 3.94 -14.86 7.90
C ILE A 137 4.51 -15.69 6.73
N PRO A 138 5.15 -15.01 5.76
CA PRO A 138 5.62 -15.74 4.58
C PRO A 138 6.91 -16.46 4.87
N PHE A 139 7.02 -17.68 4.35
CA PHE A 139 8.22 -18.47 4.51
C PHE A 139 8.89 -18.64 3.16
N PHE A 140 10.20 -18.44 3.14
CA PHE A 140 10.96 -18.57 1.90
C PHE A 140 11.96 -19.71 2.02
N ILE A 141 11.81 -20.68 1.11
CA ILE A 141 12.49 -21.98 1.19
C ILE A 141 13.50 -22.10 0.05
N GLU A 142 14.73 -22.47 0.41
CA GLU A 142 15.73 -22.91 -0.55
C GLU A 142 16.27 -24.22 0.01
N ALA A 143 16.62 -25.15 -0.87
CA ALA A 143 17.19 -26.42 -0.42
C ALA A 143 18.18 -27.02 -1.40
N SER A 144 18.98 -27.95 -0.88
CA SER A 144 20.00 -28.65 -1.65
C SER A 144 19.43 -29.60 -2.71
N SER A 145 18.12 -29.86 -2.66
CA SER A 145 17.46 -30.71 -3.68
C SER A 145 15.97 -30.43 -3.74
N THR A 146 15.34 -30.85 -4.83
CA THR A 146 13.89 -30.66 -5.02
C THR A 146 13.10 -31.36 -3.91
N GLU A 147 13.53 -32.56 -3.52
CA GLU A 147 12.89 -33.26 -2.41
C GLU A 147 13.11 -32.57 -1.04
N ASP A 148 14.31 -32.05 -0.79
CA ASP A 148 14.57 -31.33 0.45
C ASP A 148 13.69 -30.07 0.51
N ALA A 149 13.57 -29.38 -0.62
CA ALA A 149 12.68 -28.21 -0.71
C ALA A 149 11.21 -28.57 -0.40
N ALA A 150 10.69 -29.63 -1.04
CA ALA A 150 9.30 -30.00 -0.86
C ALA A 150 9.02 -30.27 0.62
N PHE A 151 9.97 -30.92 1.28
CA PHE A 151 9.85 -31.30 2.68
C PHE A 151 9.79 -30.06 3.60
N LEU A 152 10.72 -29.13 3.37
CA LEU A 152 10.73 -27.86 4.08
C LEU A 152 9.51 -27.01 3.82
N LYS A 153 9.01 -27.05 2.60
CA LYS A 153 7.76 -26.35 2.26
C LYS A 153 6.56 -26.99 2.96
N ALA A 154 6.53 -28.32 3.02
CA ALA A 154 5.47 -29.01 3.77
C ALA A 154 5.54 -28.70 5.28
N ILE A 155 6.76 -28.67 5.84
CA ILE A 155 6.94 -28.23 7.24
C ILE A 155 6.38 -26.82 7.44
N ALA A 156 6.76 -25.90 6.53
CA ALA A 156 6.37 -24.51 6.64
C ALA A 156 4.86 -24.27 6.46
N SER A 157 4.22 -25.11 5.64
CA SER A 157 2.79 -24.99 5.33
C SER A 157 1.94 -25.47 6.49
N THR A 158 2.54 -26.33 7.32
CA THR A 158 2.00 -26.67 8.62
C THR A 158 1.80 -25.42 9.52
N LEU A 159 2.60 -24.37 9.30
CA LEU A 159 2.52 -23.16 10.14
C LEU A 159 1.95 -21.92 9.46
N SER A 160 1.89 -21.92 8.13
CA SER A 160 1.61 -20.70 7.39
C SER A 160 0.89 -20.98 6.09
N ASN A 161 0.10 -20.00 5.65
CA ASN A 161 -0.58 -20.03 4.37
C ASN A 161 0.32 -19.52 3.23
N ARG A 162 1.47 -18.93 3.59
CA ARG A 162 2.33 -18.24 2.63
C ARG A 162 3.73 -18.83 2.63
N VAL A 163 3.96 -19.76 1.70
CA VAL A 163 5.21 -20.53 1.64
C VAL A 163 5.71 -20.56 0.19
N TYR A 164 6.94 -20.09 -0.02
CA TYR A 164 7.46 -19.90 -1.37
C TYR A 164 8.86 -20.43 -1.55
N ASP A 165 9.20 -20.77 -2.79
CA ASP A 165 10.57 -20.98 -3.22
C ASP A 165 11.27 -19.62 -3.39
N ALA A 166 12.49 -19.50 -2.87
CA ALA A 166 13.30 -18.33 -3.10
C ALA A 166 14.78 -18.63 -2.85
N ASP A 167 15.61 -18.36 -3.86
CA ASP A 167 17.06 -18.43 -3.73
C ASP A 167 17.62 -17.13 -3.16
N SER A 168 18.94 -16.99 -3.06
CA SER A 168 19.50 -15.80 -2.44
C SER A 168 19.06 -14.52 -3.19
N GLU A 169 19.12 -14.57 -4.53
CA GLU A 169 18.77 -13.46 -5.43
C GLU A 169 17.32 -13.00 -5.25
N GLN A 170 16.42 -13.97 -5.18
CA GLN A 170 15.02 -13.74 -4.82
C GLN A 170 14.88 -13.19 -3.41
N ARG A 171 15.70 -13.66 -2.48
CA ARG A 171 15.60 -13.15 -1.11
C ARG A 171 16.10 -11.72 -1.03
N LYS A 172 17.15 -11.39 -1.79
CA LYS A 172 17.57 -9.98 -1.89
C LYS A 172 16.45 -9.09 -2.43
N SER A 173 15.72 -9.57 -3.43
CA SER A 173 14.65 -8.80 -4.02
C SER A 173 13.54 -8.44 -3.01
N LEU A 174 13.31 -9.30 -2.02
CA LEU A 174 12.38 -9.01 -0.93
C LEU A 174 12.80 -7.76 -0.18
N HIS A 175 14.08 -7.67 0.17
CA HIS A 175 14.54 -6.52 0.95
C HIS A 175 14.65 -5.27 0.11
N LEU A 176 14.87 -5.44 -1.19
CA LEU A 176 14.81 -4.31 -2.11
C LEU A 176 13.38 -3.81 -2.22
N ALA A 177 12.44 -4.75 -2.24
CA ALA A 177 11.04 -4.43 -2.36
C ALA A 177 10.52 -3.77 -1.09
N ALA A 178 11.00 -4.23 0.07
CA ALA A 178 10.69 -3.60 1.37
C ALA A 178 11.10 -2.12 1.43
N VAL A 179 12.23 -1.79 0.79
CA VAL A 179 12.67 -0.39 0.73
C VAL A 179 11.63 0.49 0.02
N PHE A 180 11.13 0.03 -1.12
CA PHE A 180 10.04 0.71 -1.81
C PHE A 180 8.78 0.78 -0.96
N THR A 181 8.41 -0.38 -0.42
CA THR A 181 7.18 -0.58 0.32
C THR A 181 7.10 0.08 1.71
N CYS A 182 8.23 0.19 2.42
CA CYS A 182 8.26 0.84 3.73
C CYS A 182 8.98 2.15 3.76
N ASN A 183 10.19 2.19 3.21
CA ASN A 183 11.02 3.37 3.41
C ASN A 183 10.55 4.51 2.51
N PHE A 184 10.34 4.18 1.24
CA PHE A 184 9.97 5.16 0.23
C PHE A 184 8.51 5.62 0.43
N THR A 185 7.66 4.70 0.87
CA THR A 185 6.27 5.02 1.22
C THR A 185 6.16 6.00 2.41
N ASN A 186 6.86 5.67 3.50
CA ASN A 186 6.93 6.56 4.64
C ASN A 186 7.50 7.92 4.26
N HIS A 187 8.48 7.95 3.36
CA HIS A 187 9.00 9.25 2.89
C HIS A 187 7.93 10.06 2.17
N MSE A 188 7.00 9.38 1.48
CA MSE A 188 5.91 10.10 0.80
C MSE A 188 5.06 10.78 1.85
O MSE A 188 4.69 11.94 1.68
CB MSE A 188 5.08 9.18 -0.11
CG MSE A 188 5.84 8.55 -1.29
SE MSE A 188 6.71 9.89 -2.44
CE MSE A 188 8.41 9.90 -1.62
N TYR A 189 4.76 10.06 2.95
CA TYR A 189 4.02 10.63 4.10
C TYR A 189 4.78 11.84 4.68
N ALA A 190 6.11 11.70 4.80
CA ALA A 190 6.97 12.78 5.30
C ALA A 190 6.91 14.00 4.41
N LEU A 191 7.03 13.83 3.09
CA LEU A 191 6.93 15.00 2.18
C LEU A 191 5.54 15.68 2.20
N ALA A 192 4.50 14.88 2.37
CA ALA A 192 3.16 15.40 2.54
C ALA A 192 3.10 16.26 3.81
N ALA A 193 3.69 15.75 4.88
CA ALA A 193 3.68 16.42 6.18
C ALA A 193 4.42 17.77 6.10
N GLU A 194 5.54 17.80 5.35
CA GLU A 194 6.34 19.02 5.19
C GLU A 194 5.47 20.03 4.52
N LEU A 195 4.73 19.62 3.49
CA LEU A 195 3.86 20.53 2.75
C LEU A 195 2.71 21.08 3.60
N LEU A 196 2.00 20.18 4.28
CA LEU A 196 0.94 20.59 5.19
C LEU A 196 1.45 21.50 6.33
N LYS A 197 2.70 21.31 6.74
CA LYS A 197 3.35 22.19 7.70
C LYS A 197 3.59 23.55 7.08
N LYS A 198 4.13 23.55 5.86
CA LYS A 198 4.35 24.80 5.11
C LYS A 198 3.05 25.60 4.98
N TYR A 199 1.95 24.91 4.65
CA TYR A 199 0.66 25.57 4.43
C TYR A 199 -0.21 25.76 5.69
N ASN A 200 0.30 25.34 6.85
CA ASN A 200 -0.39 25.45 8.14
C ASN A 200 -1.71 24.70 8.22
N LEU A 201 -1.77 23.52 7.61
CA LEU A 201 -2.94 22.67 7.68
C LEU A 201 -2.56 21.42 8.48
N PRO A 202 -3.35 21.04 9.50
CA PRO A 202 -3.02 19.81 10.23
C PRO A 202 -2.89 18.55 9.36
N PHE A 203 -1.94 17.71 9.73
CA PHE A 203 -1.61 16.48 9.02
C PHE A 203 -2.65 15.40 9.22
N ASP A 204 -3.47 15.49 10.28
CA ASP A 204 -4.39 14.41 10.64
C ASP A 204 -5.41 14.09 9.56
N VAL A 205 -5.67 15.05 8.69
CA VAL A 205 -6.55 14.88 7.55
C VAL A 205 -6.05 13.81 6.54
N MSE A 206 -4.74 13.62 6.49
CA MSE A 206 -4.10 12.60 5.62
C MSE A 206 -4.32 11.17 6.09
O MSE A 206 -4.16 10.27 5.30
CB MSE A 206 -2.60 12.84 5.53
CG MSE A 206 -2.18 14.08 4.78
SE MSE A 206 -2.66 14.13 2.86
CE MSE A 206 -4.17 15.33 2.96
N LEU A 207 -4.65 10.96 7.36
CA LEU A 207 -4.64 9.60 7.95
C LEU A 207 -5.67 8.61 7.36
N PRO A 208 -6.90 9.07 7.04
CA PRO A 208 -7.86 8.22 6.31
C PRO A 208 -7.40 7.86 4.88
N LEU A 209 -6.62 8.72 4.24
CA LEU A 209 -6.10 8.51 2.89
C LEU A 209 -4.96 7.50 2.94
N ILE A 210 -4.10 7.66 3.96
CA ILE A 210 -3.03 6.70 4.24
C ILE A 210 -3.60 5.29 4.52
N ASP A 211 -4.56 5.20 5.41
CA ASP A 211 -5.17 3.91 5.76
C ASP A 211 -5.81 3.21 4.57
N GLU A 212 -6.58 3.98 3.79
CA GLU A 212 -7.30 3.40 2.65
C GLU A 212 -6.37 3.03 1.50
N THR A 213 -5.32 3.83 1.28
CA THR A 213 -4.30 3.52 0.27
C THR A 213 -3.67 2.17 0.53
N ALA A 214 -3.43 1.87 1.80
CA ALA A 214 -2.89 0.58 2.23
C ALA A 214 -3.92 -0.55 2.11
N ARG A 215 -5.13 -0.28 2.64
CA ARG A 215 -6.24 -1.24 2.67
CA ARG A 215 -6.22 -1.27 2.66
C ARG A 215 -6.61 -1.75 1.26
N LYS A 216 -6.66 -0.80 0.31
CA LYS A 216 -7.06 -1.03 -1.07
C LYS A 216 -6.23 -2.13 -1.74
N VAL A 217 -4.94 -2.16 -1.51
CA VAL A 217 -4.12 -3.15 -2.22
C VAL A 217 -4.15 -4.57 -1.59
N HIS A 218 -4.96 -4.76 -0.56
CA HIS A 218 -5.26 -6.13 -0.12
C HIS A 218 -6.22 -6.76 -1.10
N GLU A 219 -7.06 -5.92 -1.73
CA GLU A 219 -8.09 -6.40 -2.64
C GLU A 219 -7.72 -6.25 -4.12
N LEU A 220 -6.98 -5.19 -4.45
CA LEU A 220 -6.60 -4.93 -5.85
C LEU A 220 -5.10 -4.95 -5.98
N GLU A 221 -4.62 -5.38 -7.15
CA GLU A 221 -3.22 -5.18 -7.51
C GLU A 221 -2.94 -3.67 -7.53
N PRO A 222 -1.75 -3.27 -7.06
CA PRO A 222 -1.32 -1.88 -7.11
C PRO A 222 -1.51 -1.16 -8.44
N LYS A 223 -1.27 -1.88 -9.55
CA LYS A 223 -1.40 -1.33 -10.90
CA LYS A 223 -1.39 -1.27 -10.88
C LYS A 223 -2.85 -0.90 -11.18
N THR A 224 -3.79 -1.66 -10.62
CA THR A 224 -5.23 -1.40 -10.74
C THR A 224 -5.72 -0.36 -9.73
N ALA A 225 -5.10 -0.36 -8.54
CA ALA A 225 -5.48 0.54 -7.46
C ALA A 225 -4.96 1.96 -7.74
N GLN A 226 -4.09 2.09 -8.72
CA GLN A 226 -3.45 3.37 -8.99
C GLN A 226 -4.50 4.38 -9.49
N THR A 227 -4.47 5.60 -8.93
CA THR A 227 -5.37 6.69 -9.31
C THR A 227 -4.55 7.97 -9.44
N GLY A 228 -5.20 9.06 -9.84
CA GLY A 228 -4.58 10.37 -9.78
C GLY A 228 -4.27 10.94 -11.13
N PRO A 229 -3.83 12.20 -11.18
CA PRO A 229 -3.56 12.93 -12.42
C PRO A 229 -2.51 12.33 -13.36
N ALA A 230 -1.52 11.62 -12.82
CA ALA A 230 -0.42 11.06 -13.63
C ALA A 230 -0.82 9.88 -14.52
N ILE A 231 -2.00 9.32 -14.31
CA ILE A 231 -2.44 8.21 -15.17
C ILE A 231 -2.66 8.67 -16.62
N ARG A 232 -3.42 9.75 -16.79
CA ARG A 232 -3.58 10.35 -18.12
CA ARG A 232 -3.61 10.36 -18.11
C ARG A 232 -2.62 11.51 -18.30
N TYR A 233 -1.77 11.72 -17.30
CA TYR A 233 -0.87 12.86 -17.24
C TYR A 233 -1.62 14.18 -17.44
N ASP A 234 -2.51 14.49 -16.51
CA ASP A 234 -3.26 15.74 -16.53
C ASP A 234 -2.36 16.91 -16.19
N GLU A 235 -1.99 17.63 -17.23
CA GLU A 235 -1.03 18.69 -17.11
C GLU A 235 -1.60 19.92 -16.46
N ASN A 236 -2.91 20.06 -16.59
CA ASN A 236 -3.63 21.11 -15.86
C ASN A 236 -3.42 21.00 -14.37
N VAL A 237 -3.28 19.76 -13.89
CA VAL A 237 -2.99 19.51 -12.48
C VAL A 237 -1.48 19.47 -12.21
N ILE A 238 -0.78 18.60 -12.95
CA ILE A 238 0.65 18.39 -12.73
C ILE A 238 1.49 19.68 -12.91
N GLY A 239 1.25 20.41 -14.01
CA GLY A 239 1.91 21.68 -14.24
C GLY A 239 1.71 22.63 -13.08
N ASN A 240 0.50 22.66 -12.55
CA ASN A 240 0.23 23.52 -11.43
C ASN A 240 0.89 23.05 -10.13
N HIS A 241 0.83 21.75 -9.88
CA HIS A 241 1.53 21.17 -8.73
C HIS A 241 3.04 21.42 -8.78
N LEU A 242 3.66 21.22 -9.95
CA LEU A 242 5.10 21.46 -10.10
C LEU A 242 5.48 22.88 -9.70
N ARG A 243 4.66 23.85 -10.12
CA ARG A 243 4.83 25.27 -9.77
C ARG A 243 4.81 25.52 -8.26
N MSE A 244 3.92 24.83 -7.54
CA MSE A 244 3.78 25.05 -6.09
C MSE A 244 4.96 24.49 -5.33
O MSE A 244 5.18 24.82 -4.15
CB MSE A 244 2.48 24.41 -5.56
CG MSE A 244 1.25 24.77 -6.32
SE MSE A 244 -0.34 23.70 -5.81
CE MSE A 244 -0.27 23.89 -3.90
N LEU A 245 5.68 23.60 -5.99
CA LEU A 245 6.89 22.99 -5.45
C LEU A 245 8.16 23.70 -5.91
N ALA A 246 8.03 24.80 -6.67
CA ALA A 246 9.17 25.52 -7.26
C ALA A 246 10.28 25.86 -6.25
N ASP A 247 9.87 26.20 -5.02
CA ASP A 247 10.76 26.58 -3.93
CA ASP A 247 10.82 26.60 -3.99
C ASP A 247 11.56 25.40 -3.34
N ASP A 248 11.24 24.18 -3.78
CA ASP A 248 11.95 22.98 -3.38
C ASP A 248 12.22 22.13 -4.62
N PRO A 249 13.21 22.56 -5.44
CA PRO A 249 13.51 21.91 -6.73
C PRO A 249 13.84 20.40 -6.65
N ALA A 250 14.33 19.95 -5.49
CA ALA A 250 14.54 18.51 -5.26
C ALA A 250 13.17 17.79 -5.22
N MSE A 251 12.27 18.25 -4.35
CA MSE A 251 10.93 17.67 -4.24
C MSE A 251 10.14 17.80 -5.53
O MSE A 251 9.33 16.93 -5.86
CB MSE A 251 10.14 18.30 -3.08
CG MSE A 251 8.89 17.49 -2.73
SE MSE A 251 7.83 18.30 -1.37
CE MSE A 251 9.24 18.88 -0.20
N GLN A 252 10.42 18.84 -6.29
CA GLN A 252 9.74 19.08 -7.57
C GLN A 252 10.14 18.06 -8.63
N ARG A 253 11.44 17.77 -8.70
CA ARG A 253 12.00 16.74 -9.57
C ARG A 253 11.33 15.40 -9.27
N LEU A 254 11.28 15.08 -7.99
CA LEU A 254 10.67 13.86 -7.48
C LEU A 254 9.22 13.75 -7.96
N TYR A 255 8.44 14.82 -7.78
CA TYR A 255 7.05 14.86 -8.25
C TYR A 255 6.99 14.57 -9.73
N GLU A 256 7.87 15.24 -10.49
CA GLU A 256 7.86 15.02 -11.93
C GLU A 256 8.25 13.60 -12.32
N LEU A 257 9.36 13.10 -11.78
CA LEU A 257 9.82 11.76 -12.10
C LEU A 257 8.81 10.69 -11.66
N LEU A 258 8.20 10.85 -10.49
CA LEU A 258 7.18 9.89 -10.04
C LEU A 258 5.96 9.88 -10.93
N SER A 259 5.54 11.08 -11.34
CA SER A 259 4.39 11.20 -12.24
C SER A 259 4.62 10.56 -13.61
N ARG A 260 5.82 10.79 -14.18
CA ARG A 260 6.22 10.12 -15.45
C ARG A 260 6.30 8.62 -15.30
N SER A 261 6.83 8.16 -14.16
CA SER A 261 6.90 6.74 -13.87
C SER A 261 5.52 6.07 -13.79
N ILE A 262 4.56 6.73 -13.14
CA ILE A 262 3.17 6.25 -13.08
C ILE A 262 2.61 6.19 -14.51
N HIS A 263 2.75 7.30 -15.24
CA HIS A 263 2.24 7.43 -16.60
C HIS A 263 2.87 6.39 -17.53
N GLU A 264 4.17 6.09 -17.35
CA GLU A 264 4.78 5.07 -18.20
CA GLU A 264 4.89 5.02 -18.09
C GLU A 264 4.14 3.69 -18.06
N ARG A 265 3.50 3.40 -16.93
CA ARG A 265 2.69 2.17 -16.83
C ARG A 265 1.28 2.25 -17.43
N GLN A 266 0.94 3.45 -17.94
CA GLN A 266 -0.43 3.83 -18.38
C GLN A 266 -1.51 3.63 -17.30
N SER B 7 -36.62 14.64 3.96
CA SER B 7 -36.61 15.96 3.30
C SER B 7 -35.40 16.16 2.39
N ILE B 8 -34.18 16.25 2.95
CA ILE B 8 -33.01 16.49 2.08
C ILE B 8 -32.69 15.28 1.17
N GLU B 9 -33.12 14.08 1.58
CA GLU B 9 -32.97 12.88 0.75
C GLU B 9 -33.89 12.91 -0.48
N ASP B 10 -34.86 13.85 -0.49
CA ASP B 10 -35.72 14.04 -1.65
C ASP B 10 -35.10 14.88 -2.78
N THR B 11 -33.87 15.36 -2.61
CA THR B 11 -33.15 16.16 -3.61
C THR B 11 -32.87 15.30 -4.85
N PRO B 12 -33.41 15.69 -6.02
CA PRO B 12 -33.04 14.92 -7.21
C PRO B 12 -31.64 15.32 -7.68
N ILE B 13 -30.81 14.31 -7.87
CA ILE B 13 -29.40 14.51 -8.21
C ILE B 13 -29.08 13.93 -9.59
N VAL B 14 -28.32 14.68 -10.40
CA VAL B 14 -27.74 14.16 -11.68
C VAL B 14 -26.20 14.09 -11.56
N LEU B 15 -25.62 12.99 -12.05
CA LEU B 15 -24.16 12.89 -12.13
C LEU B 15 -23.72 13.07 -13.55
N ILE B 16 -22.81 14.03 -13.76
CA ILE B 16 -22.22 14.28 -15.06
C ILE B 16 -20.81 13.72 -14.93
N GLY B 17 -20.62 12.50 -15.42
CA GLY B 17 -19.36 11.78 -15.20
C GLY B 17 -19.61 10.58 -14.29
N ALA B 18 -19.00 9.45 -14.63
CA ALA B 18 -19.31 8.18 -13.97
C ALA B 18 -18.03 7.40 -13.61
N GLY B 19 -16.92 8.11 -13.36
CA GLY B 19 -15.61 7.50 -13.09
C GLY B 19 -15.56 6.95 -11.68
N ASN B 20 -14.34 6.78 -11.14
CA ASN B 20 -14.12 6.14 -9.82
C ASN B 20 -14.77 6.86 -8.66
N LEU B 21 -14.48 8.15 -8.53
CA LEU B 21 -15.03 9.01 -7.48
C LEU B 21 -16.54 9.10 -7.61
N ALA B 22 -17.02 9.35 -8.82
CA ALA B 22 -18.47 9.50 -9.03
C ALA B 22 -19.23 8.20 -8.69
N THR B 23 -18.67 7.05 -9.07
CA THR B 23 -19.26 5.75 -8.77
C THR B 23 -19.43 5.56 -7.26
N ASN B 24 -18.36 5.79 -6.52
CA ASN B 24 -18.40 5.67 -5.07
C ASN B 24 -19.32 6.71 -4.40
N LEU B 25 -19.22 7.95 -4.83
CA LEU B 25 -20.06 9.01 -4.30
C LEU B 25 -21.52 8.73 -4.64
N ALA B 26 -21.81 8.25 -5.84
CA ALA B 26 -23.20 7.90 -6.18
C ALA B 26 -23.75 6.78 -5.32
N LYS B 27 -22.96 5.74 -5.09
CA LYS B 27 -23.42 4.61 -4.26
C LYS B 27 -23.72 5.02 -2.80
N ALA B 28 -22.86 5.86 -2.22
CA ALA B 28 -23.03 6.36 -0.88
C ALA B 28 -24.31 7.21 -0.76
N LEU B 29 -24.56 8.07 -1.75
CA LEU B 29 -25.82 8.85 -1.79
C LEU B 29 -27.06 7.97 -1.89
N TYR B 30 -27.05 7.04 -2.85
CA TYR B 30 -28.09 6.01 -3.04
C TYR B 30 -28.39 5.16 -1.79
N ARG B 31 -27.34 4.72 -1.10
CA ARG B 31 -27.49 3.95 0.13
C ARG B 31 -28.09 4.77 1.27
N LYS B 32 -27.84 6.07 1.26
CA LYS B 32 -28.41 6.96 2.27
C LYS B 32 -29.82 7.42 1.92
N GLY B 33 -30.30 6.99 0.76
CA GLY B 33 -31.68 7.21 0.39
C GLY B 33 -31.90 8.38 -0.54
N PHE B 34 -30.82 8.96 -1.08
CA PHE B 34 -30.94 10.04 -2.07
C PHE B 34 -31.39 9.50 -3.41
N ARG B 35 -31.98 10.39 -4.21
CA ARG B 35 -32.53 10.06 -5.51
C ARG B 35 -31.58 10.51 -6.63
N ILE B 36 -30.91 9.55 -7.24
CA ILE B 36 -30.07 9.82 -8.39
C ILE B 36 -30.94 9.56 -9.62
N VAL B 37 -31.31 10.62 -10.33
CA VAL B 37 -32.28 10.45 -11.41
C VAL B 37 -31.66 9.90 -12.67
N GLN B 38 -30.42 10.32 -12.97
CA GLN B 38 -29.69 9.78 -14.10
C GLN B 38 -28.22 10.10 -14.05
N VAL B 39 -27.48 9.35 -14.85
CA VAL B 39 -26.04 9.42 -14.92
C VAL B 39 -25.71 9.72 -16.37
N TYR B 40 -24.80 10.67 -16.57
CA TYR B 40 -24.21 10.92 -17.87
C TYR B 40 -22.75 10.43 -17.87
N SER B 41 -22.33 9.81 -18.97
CA SER B 41 -20.91 9.51 -19.18
C SER B 41 -20.65 9.58 -20.65
N ARG B 42 -19.38 9.80 -21.01
CA ARG B 42 -19.02 9.82 -22.43
CA ARG B 42 -18.93 9.79 -22.42
C ARG B 42 -19.15 8.42 -23.07
N THR B 43 -18.92 7.36 -22.30
CA THR B 43 -19.04 6.00 -22.85
C THR B 43 -20.24 5.22 -22.26
N GLU B 44 -20.96 4.54 -23.13
CA GLU B 44 -22.15 3.81 -22.74
C GLU B 44 -21.93 2.81 -21.59
N GLU B 45 -20.82 2.09 -21.65
CA GLU B 45 -20.46 1.07 -20.65
CA GLU B 45 -20.54 1.07 -20.65
C GLU B 45 -20.39 1.66 -19.24
N SER B 46 -19.74 2.84 -19.13
CA SER B 46 -19.56 3.51 -17.82
C SER B 46 -20.85 4.14 -17.30
N ALA B 47 -21.60 4.77 -18.20
CA ALA B 47 -22.89 5.35 -17.86
C ALA B 47 -23.84 4.23 -17.35
N ARG B 48 -23.93 3.12 -18.09
CA ARG B 48 -24.83 2.02 -17.75
CA ARG B 48 -24.81 2.01 -17.76
C ARG B 48 -24.43 1.31 -16.46
N GLU B 49 -23.16 0.94 -16.34
CA GLU B 49 -22.66 0.27 -15.14
C GLU B 49 -23.07 1.04 -13.91
N LEU B 50 -22.79 2.34 -13.92
CA LEU B 50 -23.15 3.12 -12.73
C LEU B 50 -24.68 3.26 -12.53
N ALA B 51 -25.42 3.50 -13.60
CA ALA B 51 -26.88 3.69 -13.49
C ALA B 51 -27.59 2.49 -12.91
N GLN B 52 -27.13 1.30 -13.26
CA GLN B 52 -27.72 0.08 -12.74
C GLN B 52 -27.51 -0.08 -11.25
N LYS B 53 -26.38 0.43 -10.76
CA LYS B 53 -26.04 0.30 -9.36
C LYS B 53 -26.94 1.17 -8.47
N VAL B 54 -27.44 2.26 -9.03
CA VAL B 54 -28.11 3.28 -8.22
C VAL B 54 -29.49 3.54 -8.76
N GLU B 55 -29.97 2.55 -9.53
CA GLU B 55 -31.30 2.54 -10.13
C GLU B 55 -31.67 3.82 -10.85
N ALA B 56 -30.79 4.27 -11.75
CA ALA B 56 -30.92 5.57 -12.45
C ALA B 56 -31.06 5.37 -13.94
N GLU B 57 -31.60 6.38 -14.62
CA GLU B 57 -31.53 6.48 -16.10
C GLU B 57 -30.11 6.84 -16.47
N TYR B 58 -29.73 6.65 -17.75
CA TYR B 58 -28.45 7.17 -18.17
C TYR B 58 -28.48 7.74 -19.58
N THR B 59 -27.52 8.59 -19.87
CA THR B 59 -27.35 9.05 -21.24
C THR B 59 -25.84 9.21 -21.53
N THR B 60 -25.49 9.19 -22.80
CA THR B 60 -24.13 9.58 -23.23
C THR B 60 -24.19 10.85 -24.06
N ASP B 61 -25.35 11.51 -24.03
CA ASP B 61 -25.58 12.71 -24.81
C ASP B 61 -26.07 13.77 -23.87
N LEU B 62 -25.29 14.86 -23.75
CA LEU B 62 -25.64 15.96 -22.85
C LEU B 62 -26.99 16.61 -23.19
N ALA B 63 -27.39 16.52 -24.45
CA ALA B 63 -28.66 17.08 -24.87
C ALA B 63 -29.84 16.31 -24.26
N GLU B 64 -29.58 15.07 -23.86
N GLU B 64 -29.57 15.07 -23.84
CA GLU B 64 -30.59 14.21 -23.22
CA GLU B 64 -30.61 14.25 -23.23
C GLU B 64 -30.58 14.32 -21.69
C GLU B 64 -30.51 14.24 -21.69
N VAL B 65 -29.70 15.15 -21.15
CA VAL B 65 -29.53 15.26 -19.68
C VAL B 65 -30.75 15.88 -19.02
N ASN B 66 -31.24 15.23 -17.96
CA ASN B 66 -32.43 15.64 -17.22
C ASN B 66 -32.23 17.05 -16.67
N PRO B 67 -33.05 18.01 -17.14
CA PRO B 67 -32.92 19.41 -16.75
C PRO B 67 -33.70 19.81 -15.50
N TYR B 68 -34.26 18.84 -14.78
CA TYR B 68 -35.23 19.15 -13.72
C TYR B 68 -34.70 18.91 -12.29
N ALA B 69 -33.43 18.51 -12.19
CA ALA B 69 -32.79 18.20 -10.93
C ALA B 69 -32.31 19.45 -10.19
N LYS B 70 -32.08 19.27 -8.89
CA LYS B 70 -31.63 20.32 -7.99
C LYS B 70 -30.11 20.37 -7.89
N LEU B 71 -29.47 19.22 -8.05
CA LEU B 71 -28.03 19.14 -7.90
C LEU B 71 -27.41 18.34 -9.04
N TYR B 72 -26.42 18.96 -9.67
CA TYR B 72 -25.65 18.38 -10.73
C TYR B 72 -24.20 18.21 -10.27
N ILE B 73 -23.77 16.96 -10.13
CA ILE B 73 -22.41 16.65 -9.66
C ILE B 73 -21.54 16.31 -10.85
N VAL B 74 -20.58 17.18 -11.11
CA VAL B 74 -19.78 17.10 -12.31
C VAL B 74 -18.40 16.57 -11.95
N SER B 75 -18.09 15.40 -12.51
CA SER B 75 -16.80 14.73 -12.32
C SER B 75 -16.19 14.50 -13.69
N LEU B 76 -15.59 15.52 -14.26
CA LEU B 76 -15.04 15.38 -15.60
C LEU B 76 -13.63 15.97 -15.64
N LYS B 77 -12.79 15.46 -16.56
CA LYS B 77 -11.48 16.04 -16.81
C LYS B 77 -11.63 17.48 -17.28
N ASP B 78 -10.50 18.19 -17.39
CA ASP B 78 -10.52 19.57 -17.91
C ASP B 78 -10.97 19.60 -19.38
N SER B 79 -10.33 18.79 -20.23
CA SER B 79 -10.61 18.74 -21.68
C SER B 79 -12.09 18.51 -22.04
N ALA B 80 -12.85 17.93 -21.12
CA ALA B 80 -14.29 17.75 -21.32
C ALA B 80 -15.12 18.92 -20.70
N PHE B 81 -14.56 19.60 -19.72
CA PHE B 81 -15.23 20.73 -19.07
C PHE B 81 -15.66 21.79 -20.06
N ALA B 82 -14.73 22.57 -20.64
CA ALA B 82 -15.07 23.66 -21.58
C ALA B 82 -16.02 23.21 -22.64
N GLU B 83 -15.56 22.20 -23.37
CA GLU B 83 -16.28 21.51 -24.41
C GLU B 83 -17.75 21.34 -24.02
N LEU B 84 -17.96 21.00 -22.75
CA LEU B 84 -19.25 20.49 -22.30
C LEU B 84 -19.98 21.37 -21.30
N LEU B 85 -19.35 22.47 -20.92
CA LEU B 85 -19.83 23.33 -19.87
C LEU B 85 -21.22 23.88 -20.13
N GLN B 86 -21.44 24.45 -21.32
CA GLN B 86 -22.72 25.08 -21.63
CA GLN B 86 -22.72 25.08 -21.66
C GLN B 86 -23.82 24.06 -21.93
N GLY B 87 -23.41 22.89 -22.42
CA GLY B 87 -24.29 21.74 -22.60
C GLY B 87 -24.72 21.19 -21.25
N ILE B 88 -23.87 21.38 -20.24
CA ILE B 88 -24.23 21.05 -18.85
C ILE B 88 -25.20 22.06 -18.25
N VAL B 89 -24.97 23.35 -18.54
CA VAL B 89 -25.70 24.41 -17.81
C VAL B 89 -27.02 24.97 -18.38
N GLU B 90 -27.25 24.84 -19.69
N GLU B 90 -27.25 24.86 -19.70
CA GLU B 90 -28.43 25.42 -20.35
CA GLU B 90 -28.44 25.48 -20.31
C GLU B 90 -29.76 24.72 -20.01
C GLU B 90 -29.75 24.74 -20.02
N GLY B 91 -30.84 25.51 -19.90
CA GLY B 91 -32.19 24.99 -19.61
C GLY B 91 -32.48 24.39 -18.23
N LYS B 92 -31.63 24.70 -17.25
CA LYS B 92 -31.79 24.19 -15.88
C LYS B 92 -32.62 25.14 -15.05
N ARG B 93 -33.08 24.66 -13.89
CA ARG B 93 -33.79 25.51 -12.95
C ARG B 93 -32.82 26.56 -12.42
N GLU B 94 -33.35 27.75 -12.18
CA GLU B 94 -32.59 28.84 -11.58
C GLU B 94 -31.90 28.40 -10.27
N GLU B 95 -32.62 27.67 -9.42
CA GLU B 95 -32.06 27.22 -8.13
C GLU B 95 -31.19 25.95 -8.18
N ALA B 96 -31.05 25.33 -9.35
CA ALA B 96 -30.17 24.15 -9.46
C ALA B 96 -28.75 24.50 -9.05
N LEU B 97 -28.08 23.59 -8.36
CA LEU B 97 -26.72 23.81 -7.94
C LEU B 97 -25.76 23.00 -8.82
N MSE B 98 -24.82 23.65 -9.49
CA MSE B 98 -23.75 22.90 -10.21
C MSE B 98 -22.49 22.88 -9.40
O MSE B 98 -21.93 23.93 -9.04
CB MSE B 98 -23.37 23.43 -11.61
CG MSE B 98 -24.21 24.50 -12.22
SE MSE B 98 -26.07 24.04 -12.41
CE MSE B 98 -25.78 22.43 -13.43
N VAL B 99 -22.03 21.67 -9.10
CA VAL B 99 -20.78 21.48 -8.39
C VAL B 99 -19.84 20.58 -9.18
N HIS B 100 -18.55 20.78 -8.98
CA HIS B 100 -17.59 19.81 -9.46
C HIS B 100 -16.88 19.17 -8.28
N THR B 101 -16.14 18.10 -8.56
CA THR B 101 -15.54 17.29 -7.51
C THR B 101 -14.01 17.29 -7.56
N ALA B 102 -13.43 18.25 -8.27
CA ALA B 102 -11.98 18.24 -8.47
C ALA B 102 -11.26 18.98 -7.36
N GLY B 103 -10.15 18.39 -6.89
CA GLY B 103 -9.28 19.03 -5.90
C GLY B 103 -8.57 20.27 -6.40
N SER B 104 -8.20 20.28 -7.67
CA SER B 104 -7.29 21.30 -8.16
C SER B 104 -7.92 22.17 -9.24
N ILE B 105 -9.25 22.19 -9.30
CA ILE B 105 -9.96 23.11 -10.16
C ILE B 105 -10.63 24.17 -9.28
N PRO B 106 -10.41 25.46 -9.57
CA PRO B 106 -11.03 26.50 -8.74
C PRO B 106 -12.54 26.48 -8.87
N MSE B 107 -13.25 26.93 -7.83
CA MSE B 107 -14.71 27.05 -7.90
C MSE B 107 -15.15 28.03 -8.98
O MSE B 107 -16.23 27.88 -9.55
CB MSE B 107 -15.29 27.53 -6.57
CG MSE B 107 -16.79 27.57 -6.53
SE MSE B 107 -17.47 28.13 -4.80
CE MSE B 107 -16.97 30.00 -4.82
N ASN B 108 -14.30 29.02 -9.28
CA ASN B 108 -14.66 30.11 -10.20
C ASN B 108 -14.91 29.70 -11.64
N VAL B 109 -14.60 28.45 -11.99
CA VAL B 109 -15.00 27.95 -13.31
C VAL B 109 -16.46 28.27 -13.60
N TRP B 110 -17.32 28.05 -12.60
CA TRP B 110 -18.75 28.25 -12.76
C TRP B 110 -19.24 29.69 -12.83
N GLU B 111 -18.44 30.63 -12.33
CA GLU B 111 -18.95 31.98 -12.12
C GLU B 111 -19.25 32.71 -13.42
N GLY B 112 -20.42 33.33 -13.48
CA GLY B 112 -20.90 33.94 -14.72
C GLY B 112 -21.71 32.95 -15.56
N HIS B 113 -21.53 31.66 -15.31
CA HIS B 113 -22.26 30.62 -16.07
C HIS B 113 -23.57 30.19 -15.43
N VAL B 114 -23.59 30.08 -14.10
CA VAL B 114 -24.81 29.72 -13.35
C VAL B 114 -24.94 30.49 -12.06
N PRO B 115 -26.18 30.75 -11.64
CA PRO B 115 -26.34 31.47 -10.38
C PRO B 115 -25.95 30.70 -9.11
N HIS B 116 -26.03 29.37 -9.09
CA HIS B 116 -25.70 28.60 -7.89
C HIS B 116 -24.70 27.50 -8.28
N TYR B 117 -23.59 27.47 -7.55
CA TYR B 117 -22.46 26.62 -7.93
C TYR B 117 -21.54 26.41 -6.73
N GLY B 118 -20.62 25.46 -6.84
CA GLY B 118 -19.77 25.12 -5.71
C GLY B 118 -18.86 23.96 -6.02
N VAL B 119 -18.13 23.52 -4.99
CA VAL B 119 -17.21 22.41 -5.10
C VAL B 119 -17.62 21.45 -4.00
N PHE B 120 -17.69 20.17 -4.34
CA PHE B 120 -18.18 19.12 -3.47
C PHE B 120 -17.10 18.02 -3.52
N TYR B 121 -16.05 18.17 -2.71
CA TYR B 121 -14.79 17.40 -2.88
C TYR B 121 -14.54 16.33 -1.79
N PRO B 122 -14.90 15.06 -2.05
CA PRO B 122 -14.49 14.02 -1.10
C PRO B 122 -13.08 13.53 -1.43
N MSE B 123 -12.15 13.68 -0.49
CA MSE B 123 -10.73 13.40 -0.73
C MSE B 123 -10.42 12.01 -0.21
O MSE B 123 -10.40 11.76 0.99
CB MSE B 123 -9.87 14.44 0.00
CG MSE B 123 -8.40 14.46 -0.41
SE MSE B 123 -7.39 15.81 0.56
CE MSE B 123 -7.66 15.09 2.33
N GLN B 124 -10.20 11.10 -1.13
CA GLN B 124 -9.94 9.71 -0.82
C GLN B 124 -9.52 9.08 -2.12
N THR B 125 -8.79 7.97 -2.04
CA THR B 125 -8.46 7.21 -3.21
C THR B 125 -9.69 6.34 -3.52
N PHE B 126 -10.17 6.41 -4.76
CA PHE B 126 -11.40 5.68 -5.14
C PHE B 126 -11.12 4.73 -6.28
N SER B 127 -11.78 3.58 -6.26
CA SER B 127 -11.71 2.64 -7.38
C SER B 127 -13.10 2.06 -7.49
N LYS B 128 -13.49 1.71 -8.71
CA LYS B 128 -14.84 1.20 -8.96
C LYS B 128 -15.14 -0.13 -8.27
N GLN B 129 -14.18 -1.04 -8.29
CA GLN B 129 -14.31 -2.39 -7.76
CA GLN B 129 -14.43 -2.37 -7.73
C GLN B 129 -14.09 -2.47 -6.25
N ARG B 130 -13.99 -1.32 -5.58
CA ARG B 130 -13.58 -1.28 -4.18
C ARG B 130 -14.46 -0.33 -3.36
N GLU B 131 -15.10 -0.90 -2.34
CA GLU B 131 -16.04 -0.18 -1.47
C GLU B 131 -15.29 0.56 -0.37
N VAL B 132 -15.73 1.77 -0.07
CA VAL B 132 -15.09 2.54 1.01
C VAL B 132 -16.12 3.10 1.96
N ASP B 133 -15.76 3.15 3.24
CA ASP B 133 -16.56 3.80 4.22
C ASP B 133 -16.44 5.32 4.06
N PHE B 134 -17.49 5.92 3.52
CA PHE B 134 -17.62 7.38 3.48
C PHE B 134 -17.61 8.10 4.83
N LYS B 135 -17.98 7.40 5.91
CA LYS B 135 -18.02 8.02 7.25
C LYS B 135 -16.71 8.74 7.61
N GLU B 136 -15.58 8.18 7.22
CA GLU B 136 -14.32 8.84 7.57
C GLU B 136 -13.59 9.61 6.45
N ILE B 137 -14.29 9.87 5.35
CA ILE B 137 -13.73 10.63 4.23
C ILE B 137 -13.80 12.15 4.45
N PRO B 138 -12.64 12.82 4.48
CA PRO B 138 -12.67 14.29 4.48
C PRO B 138 -13.43 14.82 3.24
N PHE B 139 -14.49 15.59 3.48
CA PHE B 139 -15.32 16.13 2.42
C PHE B 139 -15.20 17.67 2.48
N PHE B 140 -14.59 18.29 1.47
CA PHE B 140 -14.42 19.75 1.44
C PHE B 140 -15.42 20.45 0.56
N ILE B 141 -16.00 21.51 1.10
CA ILE B 141 -17.16 22.20 0.51
C ILE B 141 -16.84 23.66 0.32
N GLU B 142 -17.17 24.15 -0.87
CA GLU B 142 -17.16 25.57 -1.20
C GLU B 142 -18.44 25.80 -2.01
N ALA B 143 -19.07 26.96 -1.88
CA ALA B 143 -20.21 27.32 -2.72
C ALA B 143 -20.36 28.83 -2.92
N SER B 144 -21.13 29.21 -3.94
CA SER B 144 -21.40 30.60 -4.32
C SER B 144 -22.15 31.44 -3.29
N SER B 145 -22.77 30.79 -2.31
CA SER B 145 -23.39 31.49 -1.20
C SER B 145 -23.41 30.60 0.04
N THR B 146 -23.62 31.22 1.20
CA THR B 146 -23.70 30.53 2.48
C THR B 146 -24.85 29.50 2.49
N GLU B 147 -25.95 29.85 1.84
CA GLU B 147 -27.12 28.99 1.79
C GLU B 147 -26.86 27.77 0.87
N ASP B 148 -26.14 27.98 -0.23
CA ASP B 148 -25.73 26.85 -1.07
C ASP B 148 -24.70 25.96 -0.35
N ALA B 149 -23.76 26.59 0.36
CA ALA B 149 -22.77 25.84 1.18
C ALA B 149 -23.45 25.03 2.30
N ALA B 150 -24.44 25.62 2.98
CA ALA B 150 -25.19 24.90 4.01
C ALA B 150 -25.93 23.68 3.44
N PHE B 151 -26.52 23.86 2.27
CA PHE B 151 -27.15 22.78 1.53
C PHE B 151 -26.18 21.64 1.17
N LEU B 152 -25.04 21.96 0.55
CA LEU B 152 -23.99 20.94 0.24
C LEU B 152 -23.47 20.24 1.50
N LYS B 153 -23.17 20.99 2.55
CA LYS B 153 -22.70 20.40 3.79
C LYS B 153 -23.70 19.46 4.45
N ALA B 154 -24.98 19.79 4.33
CA ALA B 154 -26.02 18.97 4.86
C ALA B 154 -26.07 17.65 4.11
N ILE B 155 -25.94 17.71 2.79
CA ILE B 155 -25.85 16.48 1.98
C ILE B 155 -24.62 15.70 2.38
N ALA B 156 -23.45 16.36 2.37
CA ALA B 156 -22.18 15.67 2.71
C ALA B 156 -22.16 15.07 4.13
N SER B 157 -22.80 15.74 5.09
CA SER B 157 -22.90 15.24 6.49
C SER B 157 -23.71 13.95 6.67
N THR B 158 -24.61 13.64 5.73
CA THR B 158 -25.33 12.38 5.79
C THR B 158 -24.37 11.24 5.44
N LEU B 159 -23.24 11.58 4.81
CA LEU B 159 -22.31 10.56 4.32
C LEU B 159 -21.06 10.41 5.17
N SER B 160 -20.48 11.56 5.54
CA SER B 160 -19.21 11.65 6.22
C SER B 160 -19.33 12.40 7.56
N ASN B 161 -18.57 11.96 8.55
CA ASN B 161 -18.41 12.71 9.80
C ASN B 161 -17.30 13.76 9.75
N ARG B 162 -16.68 13.92 8.57
CA ARG B 162 -15.56 14.85 8.41
CA ARG B 162 -15.55 14.82 8.38
C ARG B 162 -15.83 15.82 7.27
N VAL B 163 -16.77 16.71 7.49
CA VAL B 163 -17.22 17.67 6.46
C VAL B 163 -16.66 19.05 6.79
N TYR B 164 -15.91 19.63 5.87
CA TYR B 164 -15.18 20.87 6.17
C TYR B 164 -15.44 21.92 5.11
N ASP B 165 -15.53 23.17 5.54
CA ASP B 165 -15.53 24.29 4.61
C ASP B 165 -14.09 24.55 4.26
N ALA B 166 -13.79 24.60 2.97
CA ALA B 166 -12.42 24.97 2.56
C ALA B 166 -12.46 25.77 1.26
N ASP B 167 -11.56 26.74 1.11
CA ASP B 167 -11.39 27.55 -0.11
CA ASP B 167 -11.56 27.47 -0.16
C ASP B 167 -10.67 26.80 -1.21
N SER B 168 -10.66 27.35 -2.42
CA SER B 168 -10.02 26.68 -3.54
C SER B 168 -8.51 26.55 -3.30
N GLU B 169 -7.98 27.55 -2.58
CA GLU B 169 -6.57 27.66 -2.23
C GLU B 169 -6.19 26.59 -1.21
N GLN B 170 -6.91 26.49 -0.11
CA GLN B 170 -6.69 25.38 0.83
C GLN B 170 -6.84 24.03 0.11
N ARG B 171 -7.79 23.91 -0.81
CA ARG B 171 -8.12 22.60 -1.39
C ARG B 171 -7.01 22.14 -2.37
N LYS B 172 -6.45 23.08 -3.12
CA LYS B 172 -5.29 22.77 -3.94
C LYS B 172 -4.15 22.23 -3.11
N SER B 173 -3.87 22.91 -1.99
CA SER B 173 -2.86 22.51 -1.03
C SER B 173 -3.05 21.09 -0.52
N LEU B 174 -4.27 20.75 -0.13
CA LEU B 174 -4.59 19.43 0.37
C LEU B 174 -4.38 18.40 -0.74
N HIS B 175 -4.86 18.73 -1.94
CA HIS B 175 -4.73 17.82 -3.07
C HIS B 175 -3.27 17.56 -3.41
N LEU B 176 -2.42 18.58 -3.35
CA LEU B 176 -1.00 18.35 -3.62
C LEU B 176 -0.41 17.37 -2.63
N ALA B 177 -0.69 17.58 -1.35
CA ALA B 177 -0.24 16.65 -0.31
C ALA B 177 -0.81 15.23 -0.51
N ALA B 178 -2.05 15.16 -0.98
CA ALA B 178 -2.73 13.87 -1.23
C ALA B 178 -2.10 13.15 -2.39
N VAL B 179 -1.53 13.88 -3.35
CA VAL B 179 -0.89 13.15 -4.46
C VAL B 179 0.32 12.37 -3.92
N PHE B 180 1.14 13.02 -3.08
CA PHE B 180 2.21 12.29 -2.37
C PHE B 180 1.66 11.17 -1.54
N THR B 181 0.68 11.51 -0.71
CA THR B 181 0.17 10.56 0.26
C THR B 181 -0.42 9.32 -0.36
N CYS B 182 -1.16 9.49 -1.46
CA CYS B 182 -1.92 8.37 -2.05
C CYS B 182 -1.34 7.86 -3.34
N ASN B 183 -1.13 8.77 -4.28
CA ASN B 183 -0.77 8.41 -5.65
C ASN B 183 0.65 7.85 -5.69
N PHE B 184 1.59 8.61 -5.13
CA PHE B 184 3.02 8.22 -5.16
C PHE B 184 3.27 7.00 -4.25
N THR B 185 2.54 6.94 -3.14
CA THR B 185 2.63 5.80 -2.22
C THR B 185 2.19 4.53 -2.92
N ASN B 186 1.03 4.55 -3.57
CA ASN B 186 0.57 3.36 -4.30
C ASN B 186 1.56 2.99 -5.38
N HIS B 187 2.16 3.99 -6.04
CA HIS B 187 3.19 3.71 -7.06
C HIS B 187 4.38 2.96 -6.47
N MSE B 188 4.77 3.28 -5.23
CA MSE B 188 5.84 2.50 -4.55
C MSE B 188 5.48 1.04 -4.40
O MSE B 188 6.34 0.14 -4.54
CB MSE B 188 6.19 3.10 -3.17
CG MSE B 188 6.63 4.56 -3.17
SE MSE B 188 8.22 4.79 -4.24
CE MSE B 188 7.52 5.38 -5.91
N TYR B 189 4.21 0.77 -4.09
CA TYR B 189 3.65 -0.58 -4.04
C TYR B 189 3.73 -1.23 -5.40
N ALA B 190 3.43 -0.46 -6.45
CA ALA B 190 3.42 -0.97 -7.84
C ALA B 190 4.80 -1.39 -8.34
N LEU B 191 5.81 -0.59 -8.01
CA LEU B 191 7.20 -0.88 -8.33
C LEU B 191 7.69 -2.11 -7.57
N ALA B 192 7.45 -2.17 -6.27
CA ALA B 192 7.75 -3.37 -5.49
C ALA B 192 7.13 -4.58 -6.17
N ALA B 193 5.84 -4.50 -6.56
CA ALA B 193 5.17 -5.60 -7.28
C ALA B 193 5.86 -5.98 -8.59
N GLU B 194 6.28 -4.97 -9.36
CA GLU B 194 6.98 -5.19 -10.63
C GLU B 194 8.26 -5.98 -10.39
N LEU B 195 8.96 -5.58 -9.34
CA LEU B 195 10.22 -6.21 -8.93
CA LEU B 195 10.22 -6.22 -8.93
C LEU B 195 10.01 -7.65 -8.48
N LEU B 196 9.04 -7.85 -7.60
CA LEU B 196 8.73 -9.19 -7.09
C LEU B 196 8.34 -10.14 -8.21
N LYS B 197 7.59 -9.65 -9.20
CA LYS B 197 7.22 -10.43 -10.38
C LYS B 197 8.43 -10.84 -11.23
N LYS B 198 9.39 -9.92 -11.38
CA LYS B 198 10.62 -10.24 -12.09
C LYS B 198 11.37 -11.40 -11.43
N TYR B 199 11.14 -11.58 -10.13
CA TYR B 199 11.75 -12.67 -9.34
C TYR B 199 10.73 -13.72 -8.90
N ASN B 200 9.66 -13.86 -9.68
CA ASN B 200 8.65 -14.92 -9.47
C ASN B 200 8.19 -15.03 -8.02
N LEU B 201 7.87 -13.87 -7.44
CA LEU B 201 7.33 -13.78 -6.10
C LEU B 201 6.09 -12.91 -6.15
N PRO B 202 5.06 -13.27 -5.37
CA PRO B 202 3.81 -12.50 -5.40
C PRO B 202 3.92 -11.20 -4.58
N PHE B 203 3.18 -10.18 -5.02
CA PHE B 203 3.17 -8.90 -4.36
C PHE B 203 2.70 -9.02 -2.91
N ASP B 204 1.80 -9.96 -2.67
CA ASP B 204 1.12 -10.15 -1.39
C ASP B 204 2.01 -10.27 -0.17
N VAL B 205 3.26 -10.69 -0.36
CA VAL B 205 4.23 -10.82 0.76
C VAL B 205 4.56 -9.46 1.39
N MSE B 206 4.14 -8.40 0.71
CA MSE B 206 4.44 -7.04 1.13
C MSE B 206 3.36 -6.49 2.06
O MSE B 206 3.61 -5.55 2.82
CB MSE B 206 4.57 -6.12 -0.09
CG MSE B 206 5.85 -6.30 -0.91
SE MSE B 206 7.52 -5.83 0.00
CE MSE B 206 8.22 -7.60 0.13
N LEU B 207 2.17 -7.08 2.04
CA LEU B 207 1.01 -6.56 2.75
C LEU B 207 1.20 -6.29 4.25
N PRO B 208 1.73 -7.28 5.01
CA PRO B 208 2.10 -7.03 6.42
C PRO B 208 2.94 -5.77 6.63
N LEU B 209 3.93 -5.55 5.76
CA LEU B 209 4.83 -4.40 5.85
C LEU B 209 4.13 -3.09 5.47
N ILE B 210 3.28 -3.19 4.45
CA ILE B 210 2.44 -2.07 4.00
C ILE B 210 1.52 -1.60 5.13
N ASP B 211 0.90 -2.56 5.82
CA ASP B 211 0.04 -2.31 6.96
C ASP B 211 0.79 -1.67 8.12
N GLU B 212 1.96 -2.22 8.49
CA GLU B 212 2.81 -1.68 9.56
CA GLU B 212 2.70 -1.65 9.59
C GLU B 212 3.21 -0.24 9.28
N THR B 213 3.62 0.01 8.04
CA THR B 213 4.12 1.32 7.64
C THR B 213 3.04 2.39 7.77
N ALA B 214 1.82 2.05 7.36
CA ALA B 214 0.68 2.95 7.52
C ALA B 214 0.28 3.15 8.99
N ARG B 215 0.16 2.05 9.74
CA ARG B 215 -0.29 2.15 11.14
CA ARG B 215 -0.23 2.08 11.17
C ARG B 215 0.69 2.95 12.01
N LYS B 216 1.98 2.90 11.68
CA LYS B 216 3.04 3.60 12.40
C LYS B 216 2.83 5.13 12.49
N VAL B 217 2.28 5.74 11.43
CA VAL B 217 2.17 7.20 11.37
C VAL B 217 0.94 7.74 12.08
N HIS B 218 0.12 6.84 12.61
CA HIS B 218 -0.92 7.24 13.55
C HIS B 218 -0.29 7.67 14.88
N GLU B 219 0.77 6.95 15.28
N GLU B 219 0.78 6.97 15.27
CA GLU B 219 1.46 7.20 16.54
CA GLU B 219 1.46 7.22 16.56
C GLU B 219 2.59 8.22 16.36
C GLU B 219 2.68 8.14 16.44
N LEU B 220 3.43 8.01 15.35
CA LEU B 220 4.65 8.81 15.15
C LEU B 220 4.49 9.78 14.00
N GLU B 221 5.13 10.94 14.12
CA GLU B 221 5.34 11.79 12.95
C GLU B 221 6.12 10.97 11.89
N PRO B 222 5.77 11.11 10.58
CA PRO B 222 6.51 10.38 9.53
C PRO B 222 8.03 10.52 9.63
N LYS B 223 8.51 11.73 9.95
CA LYS B 223 9.94 11.97 10.13
C LYS B 223 10.58 11.09 11.20
N THR B 224 9.82 10.84 12.27
CA THR B 224 10.28 10.01 13.38
C THR B 224 10.18 8.50 13.03
N ALA B 225 9.22 8.19 12.17
CA ALA B 225 8.90 6.81 11.77
C ALA B 225 9.87 6.25 10.74
N GLN B 226 10.51 7.13 9.98
CA GLN B 226 11.44 6.75 8.90
C GLN B 226 12.49 5.75 9.39
N THR B 227 12.57 4.61 8.69
CA THR B 227 13.60 3.60 8.92
C THR B 227 14.34 3.34 7.60
N GLY B 228 15.33 2.45 7.62
CA GLY B 228 15.99 2.02 6.38
C GLY B 228 17.38 2.55 6.11
N PRO B 229 18.03 2.04 5.03
CA PRO B 229 19.47 2.30 4.83
C PRO B 229 19.81 3.71 4.30
N ALA B 230 18.80 4.51 4.02
CA ALA B 230 19.00 5.84 3.42
C ALA B 230 19.34 6.91 4.46
N ILE B 231 18.87 6.69 5.68
CA ILE B 231 19.09 7.60 6.80
C ILE B 231 20.56 7.89 6.99
N ARG B 232 21.36 6.81 7.03
CA ARG B 232 22.80 6.89 7.20
C ARG B 232 23.49 7.06 5.85
N TYR B 233 22.74 6.79 4.78
CA TYR B 233 23.29 6.55 3.43
C TYR B 233 24.30 5.39 3.41
N ASP B 234 23.82 4.26 3.91
CA ASP B 234 24.48 2.95 3.87
C ASP B 234 24.83 2.62 2.42
N GLU B 235 26.04 3.00 2.01
CA GLU B 235 26.44 2.96 0.60
C GLU B 235 26.68 1.55 0.04
N ASN B 236 26.93 0.59 0.93
CA ASN B 236 26.93 -0.82 0.56
C ASN B 236 25.52 -1.24 0.06
N VAL B 237 24.55 -1.20 0.98
CA VAL B 237 23.23 -1.68 0.61
C VAL B 237 22.65 -0.86 -0.54
N ILE B 238 22.89 0.46 -0.51
CA ILE B 238 22.40 1.36 -1.56
C ILE B 238 23.08 1.08 -2.91
N GLY B 239 24.37 0.82 -2.88
CA GLY B 239 25.10 0.39 -4.07
C GLY B 239 24.54 -0.91 -4.62
N ASN B 240 24.46 -1.93 -3.75
CA ASN B 240 23.84 -3.21 -4.09
C ASN B 240 22.44 -3.03 -4.70
N HIS B 241 21.62 -2.19 -4.09
CA HIS B 241 20.28 -1.95 -4.59
C HIS B 241 20.24 -1.26 -5.96
N LEU B 242 21.12 -0.29 -6.16
CA LEU B 242 21.21 0.37 -7.46
C LEU B 242 21.68 -0.62 -8.52
N ARG B 243 22.61 -1.48 -8.13
CA ARG B 243 23.13 -2.57 -8.98
C ARG B 243 21.97 -3.47 -9.44
N MSE B 244 21.07 -3.83 -8.54
CA MSE B 244 19.90 -4.64 -8.88
C MSE B 244 18.95 -4.02 -9.89
O MSE B 244 18.31 -4.72 -10.68
CB MSE B 244 19.12 -5.02 -7.63
CG MSE B 244 19.53 -6.35 -7.09
SE MSE B 244 18.46 -6.96 -5.60
CE MSE B 244 19.60 -6.31 -4.17
N LEU B 245 18.87 -2.69 -9.89
CA LEU B 245 17.97 -1.94 -10.75
C LEU B 245 18.61 -1.44 -12.05
N ALA B 246 19.82 -1.93 -12.35
CA ALA B 246 20.54 -1.56 -13.56
C ALA B 246 19.72 -1.77 -14.83
N ASP B 247 18.92 -2.85 -14.86
CA ASP B 247 17.97 -3.15 -15.93
C ASP B 247 16.91 -2.06 -16.14
N ASP B 248 16.72 -1.20 -15.15
CA ASP B 248 15.69 -0.18 -15.24
C ASP B 248 16.22 1.18 -14.78
N PRO B 249 16.96 1.89 -15.67
CA PRO B 249 17.52 3.22 -15.39
C PRO B 249 16.55 4.19 -14.68
N ALA B 250 15.30 4.26 -15.13
CA ALA B 250 14.33 5.20 -14.54
C ALA B 250 13.98 4.79 -13.11
N MSE B 251 13.80 3.49 -12.89
CA MSE B 251 13.53 3.00 -11.55
C MSE B 251 14.77 3.13 -10.66
O MSE B 251 14.65 3.38 -9.47
CB MSE B 251 13.05 1.56 -11.57
CG MSE B 251 12.31 1.18 -10.31
SE MSE B 251 11.85 -0.67 -10.30
CE MSE B 251 10.94 -0.76 -12.00
N GLN B 252 15.94 2.95 -11.27
CA GLN B 252 17.22 3.09 -10.60
C GLN B 252 17.43 4.54 -10.13
N ARG B 253 17.13 5.51 -10.99
CA ARG B 253 17.25 6.93 -10.62
C ARG B 253 16.26 7.34 -9.50
N LEU B 254 15.04 6.81 -9.52
CA LEU B 254 14.05 7.08 -8.47
C LEU B 254 14.58 6.63 -7.10
N TYR B 255 15.09 5.39 -7.07
CA TYR B 255 15.65 4.84 -5.84
C TYR B 255 16.73 5.79 -5.28
N GLU B 256 17.60 6.26 -6.16
CA GLU B 256 18.73 7.09 -5.76
C GLU B 256 18.30 8.43 -5.19
N LEU B 257 17.38 9.10 -5.88
CA LEU B 257 16.87 10.40 -5.46
C LEU B 257 15.96 10.33 -4.22
N LEU B 258 15.15 9.28 -4.13
CA LEU B 258 14.36 9.03 -2.91
C LEU B 258 15.28 8.79 -1.70
N SER B 259 16.34 8.01 -1.91
CA SER B 259 17.31 7.75 -0.85
C SER B 259 18.00 9.06 -0.48
N ARG B 260 18.48 9.77 -1.50
CA ARG B 260 19.10 11.08 -1.32
C ARG B 260 18.17 11.96 -0.49
N SER B 261 16.87 11.87 -0.80
CA SER B 261 15.86 12.73 -0.23
C SER B 261 15.63 12.42 1.23
N ILE B 262 15.54 11.12 1.57
CA ILE B 262 15.44 10.69 2.97
C ILE B 262 16.67 11.23 3.73
N HIS B 263 17.86 10.99 3.17
CA HIS B 263 19.12 11.42 3.78
C HIS B 263 19.19 12.91 4.15
N GLU B 264 18.70 13.79 3.26
CA GLU B 264 18.69 15.24 3.56
C GLU B 264 17.79 15.61 4.75
N ARG B 265 16.77 14.80 5.01
CA ARG B 265 15.75 15.14 6.02
C ARG B 265 15.84 14.31 7.29
C1 MPR C . 13.08 -1.51 6.87
O MPR C . 13.84 -0.72 7.45
C2 MPR C . 11.62 -1.56 7.12
C3 MPR C . 10.90 -2.61 6.29
S3 MPR C . 9.10 -2.59 6.53
CL CL D . -22.48 15.17 -25.54
C1 MPR E . -5.66 12.64 -5.52
O MPR E . -5.06 12.51 -6.63
C2 MPR E . -5.41 11.86 -4.26
C3 MPR E . -6.53 11.83 -3.23
S3 MPR E . -6.47 10.32 -2.21
#